data_6QW7
#
_entry.id   6QW7
#
_cell.length_a   69.958
_cell.length_b   84.340
_cell.length_c   94.136
_cell.angle_alpha   90.00
_cell.angle_beta   90.00
_cell.angle_gamma   90.00
#
_symmetry.space_group_name_H-M   'P 21 21 21'
#
loop_
_entity.id
_entity.type
_entity.pdbx_description
1 polymer Beta-lactamase
2 non-polymer D-SERINE
3 non-polymer (2S,5R)-1-formyl-N-(piperidin-4-yl)-5-[(sulfooxy)amino]piperidine-2-carboxamide
4 water water
#
_entity_poly.entity_id   1
_entity_poly.type   'polypeptide(L)'
_entity_poly.pdbx_seq_one_letter_code
;GPAGKATANAPTDAAITAASDFAALEKACAGRLGVTLLDTASGRRIGHRQDERFPMCSTFKSMLAATVLSQAERMPALLD
RRVPVGEADLLSHAPVTRRHAGKDMTVRDLCRATIITSDNTAANLLFGVVGGPPAVTAFLRASGDTVSRSDRLEPELNSF
AKGDPRDTTTPAAMAATLQRVVLGEVLQPASRQQLADWLIDNETGDACLRAGLGKRWRVGDKTGSNGEDARNDIAVLWPV
AGGAPWVLTAYLQAGAISYEQRASVLAQVGRIADRLIG
;
_entity_poly.pdbx_strand_id   A,B
#
loop_
_chem_comp.id
_chem_comp.type
_chem_comp.name
_chem_comp.formula
MK7 non-polymer (2S,5R)-1-formyl-N-(piperidin-4-yl)-5-[(sulfooxy)amino]piperidine-2-carboxamide 'C12 H22 N4 O6 S'
#
# COMPACT_ATOMS: atom_id res chain seq x y z
N ASN A 9 -0.85 29.87 -19.51
CA ASN A 9 -1.57 28.83 -18.78
C ASN A 9 -2.86 29.36 -18.12
N ALA A 10 -2.82 30.61 -17.64
CA ALA A 10 -3.95 31.17 -16.91
C ALA A 10 -5.24 31.00 -17.72
N PRO A 11 -5.34 31.50 -18.95
CA PRO A 11 -6.64 31.39 -19.66
C PRO A 11 -7.13 29.95 -19.82
N THR A 12 -6.24 29.00 -20.12
CA THR A 12 -6.64 27.60 -20.24
C THR A 12 -7.18 27.07 -18.92
N ASP A 13 -6.47 27.35 -17.82
CA ASP A 13 -6.95 26.95 -16.50
C ASP A 13 -8.33 27.55 -16.22
N ALA A 14 -8.49 28.84 -16.55
CA ALA A 14 -9.76 29.51 -16.29
C ALA A 14 -10.89 28.90 -17.13
N ALA A 15 -10.61 28.57 -18.40
CA ALA A 15 -11.64 27.99 -19.25
C ALA A 15 -12.03 26.59 -18.79
N ILE A 16 -11.03 25.78 -18.38
CA ILE A 16 -11.30 24.48 -17.80
C ILE A 16 -12.24 24.62 -16.60
N THR A 17 -11.90 25.54 -15.69
CA THR A 17 -12.68 25.74 -14.48
C THR A 17 -14.09 26.22 -14.78
N ALA A 18 -14.26 27.00 -15.85
CA ALA A 18 -15.56 27.54 -16.21
C ALA A 18 -16.46 26.54 -16.91
N ALA A 19 -15.93 25.39 -17.32
CA ALA A 19 -16.70 24.45 -18.13
C ALA A 19 -17.70 23.71 -17.27
N SER A 20 -18.98 23.75 -17.66
CA SER A 20 -20.03 23.11 -16.88
C SER A 20 -20.64 21.91 -17.59
N ASP A 21 -20.17 21.57 -18.79
CA ASP A 21 -20.60 20.35 -19.46
C ASP A 21 -19.41 19.76 -20.21
N PHE A 22 -19.52 18.47 -20.57
CA PHE A 22 -18.34 17.77 -21.06
C PHE A 22 -17.85 18.36 -22.38
N ALA A 23 -18.78 18.71 -23.27
CA ALA A 23 -18.40 19.29 -24.56
C ALA A 23 -17.60 20.57 -24.37
N ALA A 24 -18.04 21.44 -23.46
CA ALA A 24 -17.26 22.66 -23.20
C ALA A 24 -15.92 22.36 -22.56
N LEU A 25 -15.83 21.34 -21.73
CA LEU A 25 -14.57 20.98 -21.11
C LEU A 25 -13.58 20.48 -22.16
N GLU A 26 -14.06 19.64 -23.08
CA GLU A 26 -13.23 19.21 -24.19
C GLU A 26 -12.67 20.41 -24.96
N LYS A 27 -13.53 21.36 -25.27
CA LYS A 27 -13.10 22.55 -26.00
C LYS A 27 -12.11 23.39 -25.20
N ALA A 28 -12.31 23.49 -23.89
CA ALA A 28 -11.41 24.30 -23.07
C ALA A 28 -9.97 23.81 -23.12
N CYS A 29 -9.74 22.51 -23.27
CA CYS A 29 -8.39 21.99 -23.33
C CYS A 29 -7.97 21.61 -24.75
N ALA A 30 -8.81 21.93 -25.74
CA ALA A 30 -8.54 21.61 -27.14
C ALA A 30 -8.19 20.14 -27.32
N GLY A 31 -8.88 19.28 -26.57
CA GLY A 31 -8.58 17.89 -26.54
C GLY A 31 -9.66 17.04 -27.16
N ARG A 32 -9.59 15.75 -26.88
CA ARG A 32 -10.58 14.77 -27.26
C ARG A 32 -10.89 14.04 -25.96
N LEU A 33 -12.11 14.21 -25.48
CA LEU A 33 -12.54 13.72 -24.19
C LEU A 33 -13.64 12.70 -24.37
N GLY A 34 -13.46 11.53 -23.74
CA GLY A 34 -14.48 10.48 -23.74
C GLY A 34 -14.94 10.21 -22.33
N VAL A 35 -16.24 10.33 -22.06
CA VAL A 35 -16.77 10.17 -20.69
C VAL A 35 -18.04 9.34 -20.76
N THR A 36 -18.18 8.43 -19.81
CA THR A 36 -19.47 7.77 -19.53
C THR A 36 -19.75 7.90 -18.05
N LEU A 37 -20.92 8.46 -17.73
CA LEU A 37 -21.49 8.42 -16.39
C LEU A 37 -22.65 7.46 -16.43
N LEU A 38 -22.53 6.38 -15.67
CA LEU A 38 -23.46 5.28 -15.75
C LEU A 38 -24.17 5.12 -14.41
N ASP A 39 -25.49 5.14 -14.45
CA ASP A 39 -26.36 4.87 -13.31
C ASP A 39 -26.64 3.37 -13.28
N THR A 40 -26.08 2.65 -12.30
CA THR A 40 -26.21 1.20 -12.35
C THR A 40 -27.65 0.71 -12.02
N ALA A 41 -28.49 1.51 -11.37
CA ALA A 41 -29.87 1.09 -11.14
C ALA A 41 -30.64 1.06 -12.45
N SER A 42 -30.51 2.10 -13.28
CA SER A 42 -31.31 2.21 -14.49
C SER A 42 -30.60 1.75 -15.75
N GLY A 43 -29.28 1.66 -15.73
CA GLY A 43 -28.56 1.48 -16.96
C GLY A 43 -28.40 2.73 -17.80
N ARG A 44 -28.89 3.87 -17.33
CA ARG A 44 -28.85 5.08 -18.10
C ARG A 44 -27.43 5.65 -18.12
N ARG A 45 -27.03 6.20 -19.24
CA ARG A 45 -25.71 6.80 -19.40
C ARG A 45 -25.82 8.20 -19.95
N ILE A 46 -24.98 9.09 -19.40
N ILE A 46 -25.00 9.11 -19.41
CA ILE A 46 -24.72 10.44 -19.89
CA ILE A 46 -24.76 10.40 -20.04
C ILE A 46 -23.23 10.53 -20.20
C ILE A 46 -23.27 10.58 -20.17
N GLY A 47 -22.85 11.35 -21.17
CA GLY A 47 -21.43 11.52 -21.40
C GLY A 47 -21.08 12.24 -22.69
N HIS A 48 -19.96 11.83 -23.27
CA HIS A 48 -19.38 12.52 -24.42
C HIS A 48 -18.45 11.55 -25.13
N ARG A 49 -18.61 11.40 -26.45
CA ARG A 49 -17.78 10.47 -27.22
C ARG A 49 -17.70 9.11 -26.55
N GLN A 50 -18.88 8.61 -26.13
CA GLN A 50 -18.91 7.42 -25.29
C GLN A 50 -18.46 6.17 -26.02
N ASP A 51 -18.56 6.17 -27.35
CA ASP A 51 -18.31 4.97 -28.12
C ASP A 51 -17.11 5.15 -29.06
N GLU A 52 -16.29 6.15 -28.83
CA GLU A 52 -15.02 6.31 -29.55
C GLU A 52 -13.90 5.59 -28.79
N ARG A 53 -12.93 5.09 -29.55
CA ARG A 53 -11.80 4.37 -28.94
C ARG A 53 -10.73 5.31 -28.40
N PHE A 54 -10.18 4.91 -27.26
CA PHE A 54 -9.14 5.59 -26.53
C PHE A 54 -8.12 4.55 -26.05
N PRO A 55 -6.86 4.94 -25.91
CA PRO A 55 -5.89 4.02 -25.30
C PRO A 55 -6.21 3.75 -23.83
N MET A 56 -6.20 2.48 -23.43
CA MET A 56 -6.43 2.17 -22.02
C MET A 56 -5.31 2.68 -21.14
N CYS A 57 -4.08 2.62 -21.61
CA CYS A 57 -2.93 2.81 -20.73
C CYS A 57 -3.17 1.97 -19.46
N SER A 58 -2.85 2.48 -18.27
CA SER A 58 -2.87 1.59 -17.12
C SER A 58 -4.29 1.22 -16.67
N THR A 59 -5.35 1.80 -17.25
CA THR A 59 -6.70 1.43 -16.77
C THR A 59 -6.99 -0.04 -17.03
N PHE A 60 -6.26 -0.66 -17.96
CA PHE A 60 -6.42 -2.09 -18.19
C PHE A 60 -6.06 -2.94 -16.97
N LYS A 61 -5.20 -2.45 -16.07
CA LYS A 61 -4.75 -3.30 -14.97
C LYS A 61 -5.92 -3.75 -14.09
N SER A 62 -7.01 -2.98 -14.05
CA SER A 62 -8.20 -3.41 -13.32
C SER A 62 -8.69 -4.76 -13.80
N MET A 63 -8.66 -4.96 -15.11
CA MET A 63 -9.12 -6.18 -15.73
C MET A 63 -8.05 -7.27 -15.80
N LEU A 64 -6.77 -6.91 -15.77
CA LEU A 64 -5.74 -7.93 -15.55
C LEU A 64 -5.89 -8.56 -14.17
N ALA A 65 -6.06 -7.72 -13.15
CA ALA A 65 -6.31 -8.24 -11.81
C ALA A 65 -7.58 -9.07 -11.79
N ALA A 66 -8.62 -8.63 -12.51
CA ALA A 66 -9.84 -9.42 -12.53
C ALA A 66 -9.59 -10.76 -13.22
N THR A 67 -8.73 -10.76 -14.24
CA THR A 67 -8.41 -12.03 -14.90
C THR A 67 -7.74 -12.96 -13.90
N VAL A 68 -6.84 -12.43 -13.08
CA VAL A 68 -6.15 -13.25 -12.10
C VAL A 68 -7.16 -13.81 -11.11
N LEU A 69 -8.04 -12.95 -10.61
CA LEU A 69 -9.02 -13.39 -9.62
C LEU A 69 -9.94 -14.46 -10.18
N SER A 70 -10.31 -14.33 -11.46
CA SER A 70 -11.19 -15.32 -12.07
C SER A 70 -10.49 -16.67 -12.19
N GLN A 71 -9.24 -16.68 -12.62
CA GLN A 71 -8.50 -17.94 -12.69
C GLN A 71 -8.30 -18.55 -11.30
N ALA A 72 -8.16 -17.70 -10.28
CA ALA A 72 -7.93 -18.21 -8.94
C ALA A 72 -9.16 -18.93 -8.43
N GLU A 73 -10.33 -18.58 -8.95
CA GLU A 73 -11.55 -19.23 -8.48
C GLU A 73 -11.56 -20.70 -8.86
N ARG A 74 -10.88 -21.07 -9.94
CA ARG A 74 -10.78 -22.47 -10.34
C ARG A 74 -9.41 -23.08 -10.07
N MET A 75 -8.40 -22.28 -9.69
CA MET A 75 -7.10 -22.77 -9.25
C MET A 75 -6.93 -22.19 -7.84
N PRO A 76 -7.55 -22.78 -6.84
CA PRO A 76 -7.31 -22.28 -5.49
C PRO A 76 -5.83 -22.44 -5.17
N ALA A 77 -5.30 -21.43 -4.50
CA ALA A 77 -3.90 -21.28 -4.09
C ALA A 77 -3.10 -20.46 -5.10
N LEU A 78 -3.62 -20.20 -6.29
CA LEU A 78 -2.94 -19.30 -7.23
C LEU A 78 -2.57 -17.98 -6.56
N LEU A 79 -3.45 -17.44 -5.70
CA LEU A 79 -3.20 -16.12 -5.15
C LEU A 79 -2.06 -16.13 -4.15
N ASP A 80 -1.77 -17.29 -3.57
CA ASP A 80 -0.64 -17.45 -2.67
C ASP A 80 0.62 -17.91 -3.39
N ARG A 81 0.55 -18.20 -4.69
CA ARG A 81 1.75 -18.58 -5.41
C ARG A 81 2.72 -17.42 -5.45
N ARG A 82 4.00 -17.74 -5.26
CA ARG A 82 5.07 -16.74 -5.27
C ARG A 82 5.76 -16.72 -6.62
N VAL A 83 6.01 -15.51 -7.11
CA VAL A 83 6.54 -15.27 -8.45
C VAL A 83 7.88 -14.57 -8.29
N PRO A 84 8.96 -15.09 -8.87
CA PRO A 84 10.24 -14.39 -8.79
C PRO A 84 10.17 -13.03 -9.47
N VAL A 85 10.77 -12.04 -8.82
CA VAL A 85 11.02 -10.73 -9.39
C VAL A 85 12.50 -10.68 -9.74
N GLY A 86 12.81 -10.69 -11.04
CA GLY A 86 14.19 -10.66 -11.47
C GLY A 86 14.61 -9.25 -11.88
N GLU A 87 15.91 -9.01 -11.79
CA GLU A 87 16.47 -7.76 -12.26
C GLU A 87 16.01 -7.44 -13.68
N ALA A 88 15.95 -8.46 -14.53
CA ALA A 88 15.56 -8.28 -15.92
C ALA A 88 14.10 -7.91 -16.09
N ASP A 89 13.26 -8.16 -15.09
CA ASP A 89 11.84 -7.80 -15.13
C ASP A 89 11.61 -6.33 -14.80
N LEU A 90 12.60 -5.64 -14.22
CA LEU A 90 12.33 -4.35 -13.63
C LEU A 90 12.25 -3.26 -14.69
N LEU A 91 11.26 -2.40 -14.55
CA LEU A 91 11.04 -1.27 -15.42
C LEU A 91 11.17 0.04 -14.64
N SER A 92 11.18 1.15 -15.39
CA SER A 92 11.30 2.48 -14.78
C SER A 92 10.24 2.70 -13.71
N HIS A 93 9.02 2.24 -13.94
CA HIS A 93 7.95 2.40 -12.95
C HIS A 93 7.67 1.03 -12.33
N ALA A 94 8.29 0.78 -11.18
CA ALA A 94 8.21 -0.49 -10.44
C ALA A 94 8.31 -0.18 -8.95
N PRO A 95 7.41 0.65 -8.42
CA PRO A 95 7.61 1.17 -7.06
C PRO A 95 7.55 0.12 -5.98
N VAL A 96 6.78 -0.94 -6.15
CA VAL A 96 6.73 -2.02 -5.16
C VAL A 96 7.73 -3.12 -5.47
N THR A 97 7.67 -3.62 -6.72
CA THR A 97 8.47 -4.77 -7.10
C THR A 97 9.97 -4.48 -7.04
N ARG A 98 10.39 -3.20 -7.20
CA ARG A 98 11.83 -2.91 -7.12
C ARG A 98 12.43 -3.34 -5.79
N ARG A 99 11.65 -3.33 -4.70
CA ARG A 99 12.15 -3.73 -3.39
C ARG A 99 12.31 -5.23 -3.28
N HIS A 100 11.79 -5.99 -4.24
CA HIS A 100 11.80 -7.45 -4.18
C HIS A 100 12.66 -8.09 -5.26
N ALA A 101 13.55 -7.31 -5.90
CA ALA A 101 14.42 -7.88 -6.90
C ALA A 101 15.34 -8.93 -6.28
N GLY A 102 15.38 -10.11 -6.89
CA GLY A 102 16.17 -11.18 -6.36
C GLY A 102 15.43 -12.06 -5.40
N LYS A 103 14.20 -11.72 -5.04
CA LYS A 103 13.35 -12.62 -4.27
C LYS A 103 12.01 -12.73 -5.00
N ASP A 104 10.92 -13.03 -4.30
CA ASP A 104 9.65 -13.25 -4.96
C ASP A 104 8.53 -12.58 -4.17
N MET A 105 7.35 -12.57 -4.79
CA MET A 105 6.15 -11.94 -4.25
C MET A 105 4.95 -12.83 -4.56
N THR A 106 3.94 -12.78 -3.70
CA THR A 106 2.70 -13.51 -3.99
C THR A 106 1.96 -12.87 -5.17
N VAL A 107 1.23 -13.69 -5.89
CA VAL A 107 0.36 -13.20 -6.95
C VAL A 107 -0.61 -12.14 -6.42
N ARG A 108 -1.19 -12.38 -5.25
CA ARG A 108 -2.12 -11.41 -4.66
C ARG A 108 -1.45 -10.06 -4.46
N ASP A 109 -0.21 -10.07 -3.95
CA ASP A 109 0.50 -8.83 -3.67
C ASP A 109 0.93 -8.12 -4.96
N LEU A 110 1.20 -8.88 -6.03
CA LEU A 110 1.42 -8.29 -7.34
C LEU A 110 0.15 -7.62 -7.86
N CYS A 111 -1.00 -8.25 -7.64
CA CYS A 111 -2.27 -7.65 -8.05
C CYS A 111 -2.49 -6.33 -7.33
N ARG A 112 -2.33 -6.33 -6.02
CA ARG A 112 -2.48 -5.09 -5.27
C ARG A 112 -1.52 -4.04 -5.83
N ALA A 113 -0.27 -4.43 -6.01
CA ALA A 113 0.74 -3.45 -6.43
C ALA A 113 0.36 -2.82 -7.76
N THR A 114 -0.12 -3.62 -8.69
CA THR A 114 -0.39 -3.07 -10.00
C THR A 114 -1.64 -2.19 -10.02
N ILE A 115 -2.63 -2.44 -9.14
N ILE A 115 -2.59 -2.43 -9.11
CA ILE A 115 -3.79 -1.55 -9.08
CA ILE A 115 -3.79 -1.59 -9.08
C ILE A 115 -3.42 -0.25 -8.38
C ILE A 115 -3.53 -0.28 -8.33
N ILE A 116 -2.89 -0.35 -7.16
CA ILE A 116 -2.82 0.85 -6.32
C ILE A 116 -1.60 1.73 -6.57
N THR A 117 -0.54 1.22 -7.19
CA THR A 117 0.62 2.03 -7.57
C THR A 117 0.85 2.06 -9.08
N SER A 118 0.08 1.29 -9.85
CA SER A 118 0.28 1.09 -11.29
C SER A 118 1.67 0.52 -11.63
N ASP A 119 2.29 -0.18 -10.69
CA ASP A 119 3.57 -0.87 -10.90
C ASP A 119 3.60 -1.65 -12.21
N ASN A 120 4.49 -1.28 -13.15
CA ASN A 120 4.47 -1.90 -14.46
C ASN A 120 5.10 -3.30 -14.48
N THR A 121 6.13 -3.50 -13.67
CA THR A 121 6.74 -4.82 -13.58
C THR A 121 5.76 -5.82 -13.01
N ALA A 122 5.01 -5.41 -11.99
CA ALA A 122 3.99 -6.30 -11.42
C ALA A 122 2.99 -6.73 -12.48
N ALA A 123 2.57 -5.78 -13.34
CA ALA A 123 1.64 -6.11 -14.40
C ALA A 123 2.23 -7.14 -15.36
N ASN A 124 3.49 -6.95 -15.77
CA ASN A 124 4.08 -7.90 -16.69
C ASN A 124 4.22 -9.29 -16.06
N LEU A 125 4.57 -9.35 -14.78
CA LEU A 125 4.67 -10.64 -14.12
C LEU A 125 3.30 -11.32 -14.07
N LEU A 126 2.25 -10.55 -13.83
CA LEU A 126 0.91 -11.13 -13.84
C LEU A 126 0.49 -11.55 -15.25
N PHE A 127 0.84 -10.75 -16.27
CA PHE A 127 0.60 -11.23 -17.63
C PHE A 127 1.19 -12.63 -17.81
N GLY A 128 2.38 -12.85 -17.27
CA GLY A 128 2.99 -14.17 -17.40
C GLY A 128 2.21 -15.26 -16.67
N VAL A 129 1.61 -14.93 -15.54
CA VAL A 129 0.83 -15.92 -14.77
C VAL A 129 -0.44 -16.34 -15.51
N VAL A 130 -1.15 -15.40 -16.13
CA VAL A 130 -2.48 -15.70 -16.66
C VAL A 130 -2.49 -16.13 -18.11
N GLY A 131 -1.37 -16.01 -18.83
CA GLY A 131 -1.33 -16.30 -20.24
C GLY A 131 -1.33 -15.10 -21.16
N GLY A 132 -0.98 -13.92 -20.66
CA GLY A 132 -0.70 -12.79 -21.53
C GLY A 132 -1.93 -11.98 -21.90
N PRO A 133 -1.70 -10.96 -22.70
CA PRO A 133 -2.80 -10.12 -23.21
C PRO A 133 -3.94 -10.94 -23.80
N PRO A 134 -3.65 -12.04 -24.51
CA PRO A 134 -4.76 -12.82 -25.07
C PRO A 134 -5.68 -13.36 -23.99
N ALA A 135 -5.13 -13.71 -22.84
CA ALA A 135 -5.97 -14.22 -21.76
C ALA A 135 -6.83 -13.12 -21.17
N VAL A 136 -6.29 -11.90 -21.07
CA VAL A 136 -7.10 -10.81 -20.56
C VAL A 136 -8.23 -10.50 -21.50
N THR A 137 -7.95 -10.54 -22.80
CA THR A 137 -8.97 -10.28 -23.81
C THR A 137 -10.04 -11.37 -23.78
N ALA A 138 -9.63 -12.64 -23.66
CA ALA A 138 -10.60 -13.73 -23.55
C ALA A 138 -11.49 -13.55 -22.31
N PHE A 139 -10.92 -13.11 -21.19
CA PHE A 139 -11.71 -12.82 -19.99
C PHE A 139 -12.72 -11.72 -20.27
N LEU A 140 -12.30 -10.65 -20.92
CA LEU A 140 -13.22 -9.55 -21.24
C LEU A 140 -14.36 -10.05 -22.13
N ARG A 141 -14.03 -10.82 -23.16
CA ARG A 141 -15.06 -11.32 -24.06
C ARG A 141 -16.03 -12.21 -23.32
N ALA A 142 -15.52 -13.10 -22.48
CA ALA A 142 -16.39 -13.99 -21.72
C ALA A 142 -17.29 -13.22 -20.78
N SER A 143 -16.83 -12.05 -20.30
CA SER A 143 -17.63 -11.22 -19.43
C SER A 143 -18.72 -10.45 -20.18
N GLY A 144 -18.69 -10.44 -21.50
CA GLY A 144 -19.64 -9.68 -22.29
C GLY A 144 -19.10 -8.41 -22.91
N ASP A 145 -17.80 -8.16 -22.85
CA ASP A 145 -17.20 -6.96 -23.43
C ASP A 145 -16.57 -7.38 -24.75
N THR A 146 -17.17 -6.92 -25.85
CA THR A 146 -16.70 -7.19 -27.21
C THR A 146 -15.81 -6.08 -27.75
N VAL A 147 -15.57 -5.03 -26.99
CA VAL A 147 -14.91 -3.83 -27.48
C VAL A 147 -13.48 -3.72 -26.96
N SER A 148 -13.31 -3.77 -25.64
CA SER A 148 -12.02 -3.63 -25.01
C SER A 148 -11.08 -4.75 -25.42
N ARG A 149 -9.80 -4.43 -25.58
CA ARG A 149 -8.84 -5.44 -25.97
C ARG A 149 -7.46 -5.13 -25.39
N SER A 150 -6.83 -6.17 -24.85
CA SER A 150 -5.44 -6.16 -24.40
C SER A 150 -4.57 -6.92 -25.39
N ASP A 151 -3.48 -6.30 -25.82
CA ASP A 151 -2.66 -6.85 -26.91
C ASP A 151 -1.17 -6.89 -26.61
N ARG A 152 -0.68 -5.96 -25.82
CA ARG A 152 0.76 -5.80 -25.65
C ARG A 152 1.12 -5.75 -24.16
N LEU A 153 2.40 -5.96 -23.88
CA LEU A 153 2.90 -5.84 -22.52
C LEU A 153 3.29 -4.39 -22.19
N GLU A 154 3.64 -4.16 -20.90
CA GLU A 154 4.21 -2.88 -20.49
C GLU A 154 5.65 -2.77 -20.95
N PRO A 155 6.08 -1.61 -21.42
CA PRO A 155 5.36 -0.34 -21.54
C PRO A 155 4.75 -0.11 -22.93
N GLU A 156 4.97 -1.02 -23.87
CA GLU A 156 4.55 -0.79 -25.25
C GLU A 156 3.04 -0.62 -25.39
N LEU A 157 2.25 -1.19 -24.47
CA LEU A 157 0.79 -1.08 -24.59
C LEU A 157 0.33 0.38 -24.49
N ASN A 158 1.18 1.29 -24.01
CA ASN A 158 0.77 2.68 -23.84
C ASN A 158 0.88 3.49 -25.12
N SER A 159 1.44 2.91 -26.17
N SER A 159 1.44 2.91 -26.17
CA SER A 159 1.36 3.58 -27.45
CA SER A 159 1.37 3.57 -27.46
C SER A 159 -0.10 3.67 -27.88
C SER A 159 -0.06 3.60 -27.97
N PHE A 160 -0.33 4.57 -28.82
CA PHE A 160 -1.64 4.74 -29.38
C PHE A 160 -1.44 5.36 -30.74
N ALA A 161 -2.25 4.90 -31.69
CA ALA A 161 -2.37 5.54 -32.99
C ALA A 161 -3.83 5.43 -33.41
N LYS A 162 -4.36 6.52 -33.97
CA LYS A 162 -5.74 6.48 -34.46
C LYS A 162 -5.89 5.36 -35.49
N GLY A 163 -6.95 4.58 -35.35
CA GLY A 163 -7.16 3.45 -36.23
C GLY A 163 -6.48 2.18 -35.81
N ASP A 164 -5.56 2.25 -34.85
CA ASP A 164 -4.91 1.07 -34.28
C ASP A 164 -5.67 0.70 -33.01
N PRO A 165 -6.44 -0.38 -33.00
CA PRO A 165 -7.29 -0.68 -31.85
C PRO A 165 -6.58 -1.40 -30.72
N ARG A 166 -5.29 -1.70 -30.86
CA ARG A 166 -4.62 -2.45 -29.82
C ARG A 166 -4.68 -1.70 -28.50
N ASP A 167 -4.98 -2.41 -27.43
CA ASP A 167 -4.97 -1.87 -26.08
C ASP A 167 -5.87 -0.65 -25.93
N THR A 168 -7.03 -0.70 -26.59
CA THR A 168 -8.01 0.37 -26.50
C THR A 168 -9.31 -0.11 -25.87
N THR A 169 -10.12 0.86 -25.42
CA THR A 169 -11.49 0.64 -24.99
C THR A 169 -12.31 1.84 -25.46
N THR A 170 -13.62 1.81 -25.17
CA THR A 170 -14.44 3.02 -25.25
C THR A 170 -14.91 3.36 -23.86
N PRO A 171 -15.28 4.62 -23.60
CA PRO A 171 -15.79 4.93 -22.24
C PRO A 171 -16.99 4.11 -21.84
N ALA A 172 -17.91 3.87 -22.77
CA ALA A 172 -19.13 3.10 -22.47
C ALA A 172 -18.82 1.62 -22.23
N ALA A 173 -17.92 1.04 -23.04
CA ALA A 173 -17.57 -0.35 -22.86
C ALA A 173 -16.87 -0.61 -21.52
N MET A 174 -15.96 0.28 -21.12
CA MET A 174 -15.26 0.11 -19.86
C MET A 174 -16.18 0.38 -18.68
N ALA A 175 -17.11 1.32 -18.83
CA ALA A 175 -18.07 1.55 -17.75
C ALA A 175 -18.93 0.31 -17.53
N ALA A 176 -19.42 -0.30 -18.62
CA ALA A 176 -20.26 -1.49 -18.49
C ALA A 176 -19.46 -2.65 -17.91
N THR A 177 -18.20 -2.77 -18.32
CA THR A 177 -17.35 -3.85 -17.80
C THR A 177 -17.07 -3.65 -16.32
N LEU A 178 -16.78 -2.42 -15.90
CA LEU A 178 -16.65 -2.18 -14.48
C LEU A 178 -17.91 -2.58 -13.74
N GLN A 179 -19.07 -2.27 -14.29
CA GLN A 179 -20.29 -2.68 -13.60
C GLN A 179 -20.35 -4.20 -13.47
N ARG A 180 -20.11 -4.92 -14.56
CA ARG A 180 -20.28 -6.38 -14.50
C ARG A 180 -19.25 -7.04 -13.60
N VAL A 181 -18.01 -6.52 -13.61
CA VAL A 181 -16.90 -7.18 -12.94
C VAL A 181 -16.78 -6.72 -11.50
N VAL A 182 -16.91 -5.43 -11.25
CA VAL A 182 -16.71 -4.95 -9.89
C VAL A 182 -18.00 -5.03 -9.05
N LEU A 183 -19.18 -4.94 -9.69
CA LEU A 183 -20.47 -4.92 -9.00
C LEU A 183 -21.35 -6.14 -9.29
N GLY A 184 -21.19 -6.74 -10.46
CA GLY A 184 -22.05 -7.83 -10.90
C GLY A 184 -21.52 -9.20 -10.56
N GLU A 185 -21.85 -10.17 -11.42
CA GLU A 185 -21.65 -11.59 -11.12
C GLU A 185 -20.60 -12.26 -11.99
N VAL A 186 -19.70 -11.49 -12.64
CA VAL A 186 -18.61 -12.10 -13.39
C VAL A 186 -17.67 -12.86 -12.46
N LEU A 187 -17.36 -12.26 -11.31
CA LEU A 187 -16.57 -12.90 -10.27
C LEU A 187 -17.48 -13.38 -9.12
N GLN A 188 -16.97 -14.33 -8.35
CA GLN A 188 -17.63 -14.71 -7.09
C GLN A 188 -17.58 -13.55 -6.11
N PRO A 189 -18.51 -13.50 -5.15
CA PRO A 189 -18.53 -12.32 -4.24
C PRO A 189 -17.20 -12.00 -3.56
N ALA A 190 -16.50 -12.99 -3.02
CA ALA A 190 -15.24 -12.68 -2.34
C ALA A 190 -14.23 -12.07 -3.30
N SER A 191 -14.17 -12.57 -4.54
CA SER A 191 -13.24 -12.03 -5.53
C SER A 191 -13.57 -10.60 -5.91
N ARG A 192 -14.85 -10.34 -6.21
CA ARG A 192 -15.21 -8.98 -6.61
C ARG A 192 -14.97 -8.01 -5.46
N GLN A 193 -15.21 -8.43 -4.21
CA GLN A 193 -14.95 -7.52 -3.10
C GLN A 193 -13.45 -7.26 -2.94
N GLN A 194 -12.61 -8.27 -3.15
CA GLN A 194 -11.17 -8.00 -3.14
C GLN A 194 -10.78 -6.99 -4.20
N LEU A 195 -11.32 -7.14 -5.41
CA LEU A 195 -11.04 -6.18 -6.48
C LEU A 195 -11.54 -4.79 -6.12
N ALA A 196 -12.76 -4.69 -5.59
CA ALA A 196 -13.26 -3.38 -5.18
C ALA A 196 -12.34 -2.75 -4.14
N ASP A 197 -11.90 -3.53 -3.17
CA ASP A 197 -11.07 -2.97 -2.12
C ASP A 197 -9.77 -2.40 -2.70
N TRP A 198 -9.16 -3.09 -3.68
CA TRP A 198 -7.93 -2.58 -4.31
C TRP A 198 -8.17 -1.24 -5.00
N LEU A 199 -9.31 -1.12 -5.69
CA LEU A 199 -9.68 0.13 -6.35
C LEU A 199 -9.92 1.23 -5.35
N ILE A 200 -10.54 0.89 -4.22
CA ILE A 200 -10.78 1.88 -3.18
C ILE A 200 -9.47 2.38 -2.62
N ASP A 201 -8.48 1.50 -2.56
CA ASP A 201 -7.20 1.83 -1.98
C ASP A 201 -6.25 2.49 -2.98
N ASN A 202 -6.70 2.81 -4.19
CA ASN A 202 -5.78 3.35 -5.19
C ASN A 202 -5.12 4.64 -4.69
N GLU A 203 -3.82 4.77 -4.97
CA GLU A 203 -3.06 5.90 -4.48
C GLU A 203 -2.66 6.89 -5.56
N THR A 204 -2.97 6.63 -6.82
CA THR A 204 -2.47 7.43 -7.92
C THR A 204 -3.49 8.44 -8.46
N GLY A 205 -4.71 8.47 -7.93
CA GLY A 205 -5.76 9.30 -8.52
C GLY A 205 -6.21 10.50 -7.71
N ASP A 206 -5.42 10.95 -6.73
CA ASP A 206 -5.91 12.00 -5.85
C ASP A 206 -6.18 13.32 -6.61
N ALA A 207 -5.52 13.57 -7.73
CA ALA A 207 -5.72 14.82 -8.45
C ALA A 207 -6.69 14.69 -9.62
N CYS A 208 -7.25 13.51 -9.84
CA CYS A 208 -8.08 13.26 -11.01
C CYS A 208 -9.56 13.23 -10.57
N LEU A 209 -10.32 12.19 -10.89
CA LEU A 209 -11.77 12.23 -10.61
C LEU A 209 -12.04 12.49 -9.14
N ARG A 210 -11.27 11.87 -8.25
CA ARG A 210 -11.47 12.06 -6.81
C ARG A 210 -11.44 13.53 -6.41
N ALA A 211 -10.60 14.34 -7.07
CA ALA A 211 -10.47 15.74 -6.67
C ALA A 211 -11.75 16.54 -6.96
N GLY A 212 -12.57 16.10 -7.90
CA GLY A 212 -13.82 16.76 -8.20
C GLY A 212 -15.08 16.15 -7.59
N LEU A 213 -14.97 15.03 -6.87
CA LEU A 213 -16.11 14.33 -6.28
C LEU A 213 -16.26 14.61 -4.80
N GLY A 214 -17.50 14.81 -4.36
CA GLY A 214 -17.73 15.15 -2.98
C GLY A 214 -17.66 13.93 -2.07
N LYS A 215 -17.75 14.23 -0.77
CA LYS A 215 -17.58 13.28 0.32
C LYS A 215 -18.71 12.25 0.39
N ARG A 216 -19.80 12.47 -0.33
CA ARG A 216 -20.92 11.52 -0.31
C ARG A 216 -20.61 10.23 -1.05
N TRP A 217 -19.47 10.17 -1.73
CA TRP A 217 -19.04 9.02 -2.51
C TRP A 217 -17.81 8.36 -1.88
N ARG A 218 -17.88 7.04 -1.73
CA ARG A 218 -16.72 6.21 -1.56
C ARG A 218 -16.25 5.83 -2.97
N VAL A 219 -15.01 6.14 -3.30
CA VAL A 219 -14.52 6.00 -4.67
C VAL A 219 -13.50 4.89 -4.76
N GLY A 220 -13.66 4.02 -5.75
CA GLY A 220 -12.60 3.14 -6.21
C GLY A 220 -12.24 3.55 -7.63
N ASP A 221 -10.94 3.61 -7.93
CA ASP A 221 -10.58 4.05 -9.27
C ASP A 221 -9.26 3.46 -9.73
N LYS A 222 -9.03 3.55 -11.03
CA LYS A 222 -7.73 3.22 -11.63
C LYS A 222 -7.41 4.25 -12.69
N THR A 223 -6.18 4.81 -12.63
CA THR A 223 -5.73 5.83 -13.57
C THR A 223 -4.87 5.21 -14.67
N GLY A 224 -4.61 6.02 -15.70
CA GLY A 224 -3.63 5.69 -16.71
C GLY A 224 -3.21 6.95 -17.44
N SER A 225 -2.07 6.84 -18.11
CA SER A 225 -1.50 7.99 -18.76
C SER A 225 -0.42 7.52 -19.73
N ASN A 226 -0.08 8.38 -20.67
CA ASN A 226 1.18 8.18 -21.37
C ASN A 226 1.90 9.52 -21.48
N GLY A 227 3.08 9.47 -22.11
CA GLY A 227 3.94 10.63 -22.19
C GLY A 227 3.59 11.60 -23.28
N GLU A 228 2.67 11.22 -24.17
CA GLU A 228 2.32 12.09 -25.30
C GLU A 228 1.15 13.01 -24.96
N ASP A 229 -0.02 12.42 -24.71
CA ASP A 229 -1.20 13.25 -24.47
C ASP A 229 -2.33 12.59 -23.68
N ALA A 230 -2.19 11.33 -23.29
CA ALA A 230 -3.28 10.57 -22.70
C ALA A 230 -3.29 10.68 -21.18
N ARG A 231 -4.49 10.86 -20.63
CA ARG A 231 -4.70 10.78 -19.20
C ARG A 231 -6.10 10.29 -18.94
N ASN A 232 -6.20 9.20 -18.18
CA ASN A 232 -7.44 8.47 -18.02
C ASN A 232 -7.67 8.21 -16.55
N ASP A 233 -8.95 8.09 -16.19
CA ASP A 233 -9.36 7.66 -14.85
C ASP A 233 -10.72 7.01 -14.96
N ILE A 234 -10.84 5.83 -14.38
CA ILE A 234 -12.10 5.10 -14.35
C ILE A 234 -12.43 4.78 -12.91
N ALA A 235 -13.70 4.94 -12.55
CA ALA A 235 -14.09 4.91 -11.14
C ALA A 235 -15.44 4.26 -10.95
N VAL A 236 -15.58 3.66 -9.77
CA VAL A 236 -16.86 3.23 -9.23
C VAL A 236 -17.14 4.11 -8.04
N LEU A 237 -18.37 4.65 -7.99
CA LEU A 237 -18.83 5.57 -6.97
C LEU A 237 -19.92 4.88 -6.14
N TRP A 238 -19.62 4.54 -4.85
CA TRP A 238 -20.61 3.98 -3.94
C TRP A 238 -21.15 5.07 -3.06
N PRO A 239 -22.45 5.28 -3.00
CA PRO A 239 -22.98 6.30 -2.09
C PRO A 239 -22.79 5.82 -0.65
N VAL A 240 -22.10 6.63 0.15
CA VAL A 240 -21.84 6.22 1.54
C VAL A 240 -23.13 6.14 2.32
N ALA A 241 -24.14 6.88 1.90
CA ALA A 241 -25.43 6.83 2.54
C ALA A 241 -26.25 5.62 2.11
N GLY A 242 -25.71 4.79 1.23
CA GLY A 242 -26.43 3.69 0.63
C GLY A 242 -27.16 4.11 -0.64
N GLY A 243 -27.51 3.10 -1.43
CA GLY A 243 -28.15 3.31 -2.71
C GLY A 243 -27.33 2.70 -3.83
N ALA A 244 -27.82 2.93 -5.06
CA ALA A 244 -27.16 2.23 -6.15
C ALA A 244 -25.84 2.91 -6.50
N PRO A 245 -24.79 2.16 -6.82
CA PRO A 245 -23.56 2.79 -7.30
C PRO A 245 -23.72 3.41 -8.68
N TRP A 246 -22.79 4.31 -8.96
CA TRP A 246 -22.55 4.87 -10.28
C TRP A 246 -21.15 4.47 -10.73
N VAL A 247 -20.95 4.50 -12.05
CA VAL A 247 -19.64 4.27 -12.67
C VAL A 247 -19.34 5.49 -13.52
N LEU A 248 -18.10 5.96 -13.45
CA LEU A 248 -17.65 7.13 -14.19
C LEU A 248 -16.32 6.80 -14.84
N THR A 249 -16.29 6.79 -16.17
CA THR A 249 -15.08 6.57 -16.93
C THR A 249 -14.73 7.84 -17.71
N ALA A 250 -13.45 8.19 -17.69
CA ALA A 250 -12.98 9.40 -18.34
C ALA A 250 -11.65 9.11 -19.03
N TYR A 251 -11.62 9.32 -20.36
CA TYR A 251 -10.44 9.10 -21.19
C TYR A 251 -10.16 10.43 -21.92
N LEU A 252 -8.94 10.95 -21.77
CA LEU A 252 -8.61 12.23 -22.37
C LEU A 252 -7.36 12.10 -23.22
N GLN A 253 -7.39 12.69 -24.38
CA GLN A 253 -6.17 13.01 -25.12
C GLN A 253 -6.13 14.51 -25.30
N ALA A 254 -5.05 15.14 -24.82
CA ALA A 254 -4.97 16.59 -24.89
C ALA A 254 -3.51 17.02 -24.88
N GLY A 255 -2.86 16.95 -26.03
CA GLY A 255 -1.44 17.25 -26.08
C GLY A 255 -1.11 18.72 -25.98
N ALA A 256 -2.09 19.60 -26.20
CA ALA A 256 -1.79 21.03 -26.17
C ALA A 256 -1.66 21.56 -24.75
N ILE A 257 -2.02 20.78 -23.74
CA ILE A 257 -1.91 21.21 -22.37
C ILE A 257 -0.91 20.30 -21.66
N SER A 258 -0.55 20.68 -20.44
CA SER A 258 0.46 19.98 -19.66
C SER A 258 -0.11 18.73 -18.97
N TYR A 259 0.82 17.87 -18.55
CA TYR A 259 0.46 16.70 -17.75
C TYR A 259 -0.39 17.10 -16.54
N GLU A 260 0.04 18.13 -15.81
CA GLU A 260 -0.74 18.56 -14.64
C GLU A 260 -2.11 19.12 -15.04
N GLN A 261 -2.19 19.84 -16.17
CA GLN A 261 -3.50 20.32 -16.62
C GLN A 261 -4.42 19.18 -17.04
N ARG A 262 -3.85 18.08 -17.50
CA ARG A 262 -4.71 16.95 -17.84
C ARG A 262 -5.42 16.42 -16.60
N ALA A 263 -4.74 16.35 -15.46
CA ALA A 263 -5.44 15.99 -14.23
C ALA A 263 -6.55 16.97 -13.91
N SER A 264 -6.29 18.28 -14.07
N SER A 264 -6.28 18.28 -14.07
CA SER A 264 -7.31 19.26 -13.73
CA SER A 264 -7.29 19.28 -13.75
C SER A 264 -8.54 19.09 -14.61
C SER A 264 -8.54 19.08 -14.60
N VAL A 265 -8.37 18.58 -15.83
CA VAL A 265 -9.54 18.29 -16.67
C VAL A 265 -10.33 17.13 -16.07
N LEU A 266 -9.63 16.07 -15.65
CA LEU A 266 -10.33 14.91 -15.09
C LEU A 266 -11.01 15.29 -13.78
N ALA A 267 -10.39 16.14 -12.98
CA ALA A 267 -11.04 16.65 -11.80
C ALA A 267 -12.34 17.35 -12.18
N GLN A 268 -12.31 18.14 -13.26
CA GLN A 268 -13.50 18.86 -13.69
C GLN A 268 -14.57 17.90 -14.20
N VAL A 269 -14.17 16.78 -14.82
CA VAL A 269 -15.14 15.75 -15.17
C VAL A 269 -15.88 15.30 -13.93
N GLY A 270 -15.13 15.06 -12.85
CA GLY A 270 -15.71 14.69 -11.57
C GLY A 270 -16.71 15.72 -11.08
N ARG A 271 -16.33 17.00 -11.11
CA ARG A 271 -17.24 18.05 -10.66
C ARG A 271 -18.53 18.10 -11.49
N ILE A 272 -18.39 18.00 -12.80
CA ILE A 272 -19.58 18.01 -13.66
C ILE A 272 -20.47 16.80 -13.36
N ALA A 273 -19.86 15.62 -13.29
CA ALA A 273 -20.59 14.39 -13.02
C ALA A 273 -21.36 14.48 -11.70
N ASP A 274 -20.71 14.99 -10.66
CA ASP A 274 -21.35 15.06 -9.34
C ASP A 274 -22.59 15.94 -9.41
N ARG A 275 -22.52 17.04 -10.15
CA ARG A 275 -23.67 17.90 -10.31
C ARG A 275 -24.75 17.21 -11.14
N LEU A 276 -24.36 16.39 -12.12
CA LEU A 276 -25.35 15.76 -12.97
C LEU A 276 -26.04 14.62 -12.26
N ILE A 277 -25.38 13.99 -11.28
CA ILE A 277 -26.05 13.01 -10.44
C ILE A 277 -27.03 13.70 -9.54
N GLY A 278 -26.58 14.79 -8.93
CA GLY A 278 -27.48 15.69 -8.22
C GLY A 278 -27.86 15.16 -6.87
N ASN B 9 19.09 24.76 16.11
CA ASN B 9 18.81 23.50 15.41
C ASN B 9 20.08 22.89 14.81
N ALA B 10 20.92 23.75 14.24
CA ALA B 10 22.14 23.28 13.56
C ALA B 10 23.02 22.45 14.51
N PRO B 11 23.46 22.98 15.67
CA PRO B 11 24.42 22.20 16.46
C PRO B 11 23.89 20.83 16.80
N THR B 12 22.62 20.73 17.21
CA THR B 12 22.05 19.41 17.49
C THR B 12 22.05 18.55 16.23
N ASP B 13 21.61 19.10 15.11
CA ASP B 13 21.67 18.36 13.85
C ASP B 13 23.11 17.94 13.54
N ALA B 14 24.05 18.87 13.69
CA ALA B 14 25.43 18.56 13.39
C ALA B 14 25.99 17.54 14.39
N ALA B 15 25.61 17.68 15.66
CA ALA B 15 26.11 16.76 16.67
C ALA B 15 25.61 15.36 16.41
N ILE B 16 24.34 15.23 16.00
CA ILE B 16 23.78 13.92 15.62
C ILE B 16 24.60 13.28 14.51
N THR B 17 24.86 14.04 13.45
CA THR B 17 25.64 13.53 12.32
C THR B 17 27.07 13.17 12.71
N ALA B 18 27.68 13.89 13.66
CA ALA B 18 29.06 13.62 14.05
C ALA B 18 29.21 12.44 15.01
N ALA B 19 28.11 11.92 15.54
CA ALA B 19 28.20 10.87 16.54
C ALA B 19 28.56 9.56 15.84
N SER B 20 29.61 8.89 16.32
CA SER B 20 30.12 7.69 15.66
C SER B 20 29.97 6.44 16.51
N ASP B 21 29.40 6.56 17.71
CA ASP B 21 29.03 5.41 18.51
C ASP B 21 27.72 5.75 19.24
N PHE B 22 27.01 4.71 19.66
CA PHE B 22 25.67 4.89 20.22
C PHE B 22 25.70 5.76 21.46
N ALA B 23 26.67 5.54 22.36
CA ALA B 23 26.74 6.35 23.57
C ALA B 23 26.91 7.82 23.23
N ALA B 24 27.77 8.13 22.25
CA ALA B 24 27.94 9.51 21.85
C ALA B 24 26.67 10.09 21.20
N LEU B 25 25.98 9.28 20.40
CA LEU B 25 24.74 9.74 19.78
C LEU B 25 23.66 10.02 20.84
N GLU B 26 23.53 9.13 21.82
CA GLU B 26 22.64 9.40 22.94
C GLU B 26 22.96 10.72 23.59
N LYS B 27 24.24 10.97 23.85
CA LYS B 27 24.60 12.19 24.55
C LYS B 27 24.32 13.42 23.67
N ALA B 28 24.50 13.27 22.36
CA ALA B 28 24.25 14.37 21.43
C ALA B 28 22.79 14.85 21.43
N CYS B 29 21.82 13.96 21.64
CA CYS B 29 20.44 14.41 21.67
C CYS B 29 19.92 14.51 23.09
N ALA B 30 20.81 14.36 24.09
CA ALA B 30 20.45 14.40 25.50
C ALA B 30 19.30 13.43 25.78
N GLY B 31 19.34 12.25 25.17
CA GLY B 31 18.26 11.29 25.26
C GLY B 31 18.63 10.00 25.98
N ARG B 32 17.79 8.99 25.77
CA ARG B 32 18.00 7.63 26.24
C ARG B 32 17.79 6.74 25.03
N LEU B 33 18.86 6.07 24.60
CA LEU B 33 18.91 5.29 23.38
C LEU B 33 19.17 3.82 23.71
N GLY B 34 18.33 2.93 23.18
CA GLY B 34 18.48 1.50 23.33
C GLY B 34 18.66 0.88 21.97
N VAL B 35 19.76 0.16 21.75
CA VAL B 35 20.05 -0.41 20.45
C VAL B 35 20.59 -1.81 20.64
N THR B 36 20.13 -2.74 19.81
CA THR B 36 20.79 -4.02 19.64
C THR B 36 21.02 -4.26 18.16
N LEU B 37 22.28 -4.53 17.81
CA LEU B 37 22.66 -5.02 16.50
C LEU B 37 23.03 -6.49 16.68
N LEU B 38 22.30 -7.36 15.99
CA LEU B 38 22.36 -8.80 16.19
C LEU B 38 22.79 -9.47 14.90
N ASP B 39 23.91 -10.21 14.98
CA ASP B 39 24.43 -11.01 13.88
C ASP B 39 23.79 -12.38 13.97
N THR B 40 22.89 -12.71 13.03
CA THR B 40 22.16 -13.97 13.18
C THR B 40 23.03 -15.18 12.93
N ALA B 41 24.15 -15.03 12.23
CA ALA B 41 25.02 -16.19 12.05
C ALA B 41 25.68 -16.61 13.36
N SER B 42 26.18 -15.66 14.15
CA SER B 42 26.94 -15.96 15.36
C SER B 42 26.14 -15.79 16.65
N GLY B 43 25.00 -15.11 16.61
CA GLY B 43 24.33 -14.68 17.83
C GLY B 43 24.99 -13.51 18.56
N ARG B 44 26.11 -13.00 18.09
CA ARG B 44 26.79 -11.93 18.78
C ARG B 44 26.05 -10.62 18.59
N ARG B 45 26.09 -9.79 19.62
CA ARG B 45 25.39 -8.53 19.63
C ARG B 45 26.30 -7.40 20.03
N ILE B 46 26.00 -6.24 19.46
N ILE B 46 26.02 -6.23 19.50
CA ILE B 46 26.57 -4.95 19.83
CA ILE B 46 26.61 -5.01 20.03
C ILE B 46 25.40 -4.04 20.17
C ILE B 46 25.51 -3.98 20.11
N GLY B 47 25.60 -3.13 21.13
CA GLY B 47 24.58 -2.12 21.29
C GLY B 47 24.71 -1.25 22.51
N HIS B 48 23.55 -0.80 23.00
CA HIS B 48 23.51 0.21 24.04
C HIS B 48 22.21 0.05 24.81
N ARG B 49 22.30 0.01 26.13
CA ARG B 49 21.10 -0.14 26.98
C ARG B 49 20.23 -1.29 26.48
N GLN B 50 20.88 -2.43 26.22
CA GLN B 50 20.22 -3.50 25.49
C GLN B 50 19.13 -4.17 26.30
N ASP B 51 19.18 -4.07 27.64
CA ASP B 51 18.24 -4.78 28.49
C ASP B 51 17.36 -3.84 29.29
N GLU B 52 17.33 -2.56 28.93
CA GLU B 52 16.45 -1.59 29.55
C GLU B 52 15.15 -1.57 28.77
N ARG B 53 14.06 -1.33 29.48
CA ARG B 53 12.73 -1.29 28.85
C ARG B 53 12.45 0.05 28.18
N PHE B 54 11.77 -0.04 27.03
CA PHE B 54 11.31 1.09 26.24
C PHE B 54 9.87 0.80 25.80
N PRO B 55 9.07 1.85 25.54
CA PRO B 55 7.73 1.60 24.97
C PRO B 55 7.86 1.08 23.53
N MET B 56 7.12 0.00 23.22
CA MET B 56 7.12 -0.51 21.85
C MET B 56 6.49 0.49 20.89
N CYS B 57 5.47 1.21 21.36
CA CYS B 57 4.61 1.98 20.47
C CYS B 57 4.23 1.10 19.28
N SER B 58 4.23 1.65 18.06
CA SER B 58 3.72 0.90 16.93
C SER B 58 4.62 -0.29 16.55
N THR B 59 5.81 -0.42 17.13
CA THR B 59 6.64 -1.57 16.76
C THR B 59 5.99 -2.88 17.20
N PHE B 60 5.10 -2.85 18.19
CA PHE B 60 4.43 -4.08 18.59
C PHE B 60 3.63 -4.68 17.46
N LYS B 61 3.25 -3.86 16.45
CA LYS B 61 2.35 -4.31 15.38
C LYS B 61 2.98 -5.45 14.59
N SER B 62 4.30 -5.52 14.55
CA SER B 62 4.98 -6.64 13.91
C SER B 62 4.52 -7.95 14.54
N MET B 63 4.36 -7.95 15.85
CA MET B 63 4.00 -9.17 16.56
C MET B 63 2.49 -9.40 16.62
N LEU B 64 1.69 -8.34 16.53
CA LEU B 64 0.26 -8.53 16.31
C LEU B 64 0.02 -9.23 14.98
N ALA B 65 0.70 -8.79 13.93
CA ALA B 65 0.55 -9.46 12.63
C ALA B 65 1.01 -10.90 12.69
N ALA B 66 2.09 -11.18 13.43
CA ALA B 66 2.58 -12.54 13.55
C ALA B 66 1.59 -13.39 14.32
N THR B 67 0.96 -12.81 15.34
CA THR B 67 -0.07 -13.52 16.07
C THR B 67 -1.22 -13.91 15.15
N VAL B 68 -1.63 -12.99 14.26
CA VAL B 68 -2.70 -13.28 13.32
C VAL B 68 -2.29 -14.41 12.39
N LEU B 69 -1.07 -14.29 11.85
CA LEU B 69 -0.61 -15.29 10.91
C LEU B 69 -0.54 -16.65 11.59
N SER B 70 -0.09 -16.67 12.85
CA SER B 70 0.02 -17.93 13.59
C SER B 70 -1.35 -18.57 13.78
N GLN B 71 -2.34 -17.77 14.18
CA GLN B 71 -3.66 -18.33 14.35
C GLN B 71 -4.22 -18.82 13.03
N ALA B 72 -3.90 -18.13 11.93
CA ALA B 72 -4.41 -18.53 10.62
C ALA B 72 -3.88 -19.89 10.21
N GLU B 73 -2.72 -20.28 10.75
CA GLU B 73 -2.13 -21.57 10.40
C GLU B 73 -2.99 -22.72 10.93
N ARG B 74 -3.75 -22.49 12.00
CA ARG B 74 -4.68 -23.50 12.47
C ARG B 74 -6.13 -23.20 12.13
N MET B 75 -6.43 -22.01 11.63
CA MET B 75 -7.76 -21.65 11.16
C MET B 75 -7.61 -21.23 9.71
N PRO B 76 -7.57 -22.18 8.79
CA PRO B 76 -7.51 -21.82 7.37
C PRO B 76 -8.76 -21.04 7.03
N ALA B 77 -8.58 -19.99 6.25
CA ALA B 77 -9.60 -19.03 5.82
C ALA B 77 -9.68 -17.82 6.74
N LEU B 78 -9.01 -17.84 7.90
CA LEU B 78 -8.99 -16.66 8.76
C LEU B 78 -8.51 -15.41 8.00
N LEU B 79 -7.49 -15.54 7.15
CA LEU B 79 -6.94 -14.36 6.49
C LEU B 79 -7.90 -13.77 5.45
N ASP B 80 -8.84 -14.55 4.94
CA ASP B 80 -9.83 -14.05 4.02
C ASP B 80 -11.09 -13.61 4.73
N ARG B 81 -11.17 -13.79 6.04
CA ARG B 81 -12.36 -13.35 6.75
C ARG B 81 -12.45 -11.83 6.69
N ARG B 82 -13.65 -11.31 6.52
CA ARG B 82 -13.86 -9.87 6.46
C ARG B 82 -14.35 -9.33 7.78
N VAL B 83 -13.80 -8.19 8.16
CA VAL B 83 -14.01 -7.55 9.46
C VAL B 83 -14.68 -6.21 9.21
N PRO B 84 -15.86 -5.93 9.79
CA PRO B 84 -16.47 -4.60 9.61
C PRO B 84 -15.60 -3.48 10.16
N VAL B 85 -15.53 -2.41 9.39
CA VAL B 85 -14.93 -1.16 9.82
C VAL B 85 -16.07 -0.20 10.09
N GLY B 86 -16.26 0.15 11.34
CA GLY B 86 -17.32 1.06 11.72
C GLY B 86 -16.79 2.46 11.96
N GLU B 87 -17.69 3.43 11.84
CA GLU B 87 -17.32 4.80 12.14
C GLU B 87 -16.72 4.91 13.52
N ALA B 88 -17.28 4.20 14.49
CA ALA B 88 -16.80 4.31 15.87
C ALA B 88 -15.42 3.69 16.05
N ASP B 89 -14.97 2.85 15.12
CA ASP B 89 -13.65 2.25 15.22
C ASP B 89 -12.55 3.22 14.81
N LEU B 90 -12.91 4.31 14.13
CA LEU B 90 -11.92 5.16 13.47
C LEU B 90 -11.21 6.03 14.50
N LEU B 91 -9.88 6.09 14.39
CA LEU B 91 -9.02 6.90 15.24
C LEU B 91 -8.34 7.97 14.39
N SER B 92 -7.60 8.88 15.05
CA SER B 92 -6.95 9.97 14.32
C SER B 92 -6.07 9.42 13.22
N HIS B 93 -5.31 8.36 13.50
N HIS B 93 -5.33 8.35 13.50
CA HIS B 93 -4.44 7.74 12.51
CA HIS B 93 -4.43 7.71 12.53
C HIS B 93 -5.14 6.49 11.99
C HIS B 93 -5.11 6.47 11.99
N ALA B 94 -5.81 6.62 10.83
CA ALA B 94 -6.52 5.51 10.19
C ALA B 94 -6.50 5.70 8.68
N PRO B 95 -5.33 5.80 8.05
CA PRO B 95 -5.30 6.21 6.63
C PRO B 95 -5.92 5.21 5.70
N VAL B 96 -5.80 3.91 5.96
CA VAL B 96 -6.40 2.89 5.11
C VAL B 96 -7.84 2.60 5.51
N THR B 97 -8.06 2.33 6.79
CA THR B 97 -9.39 1.91 7.23
C THR B 97 -10.42 3.01 7.05
N ARG B 98 -9.98 4.28 7.08
CA ARG B 98 -10.90 5.38 6.88
C ARG B 98 -11.67 5.25 5.57
N ARG B 99 -11.05 4.69 4.54
CA ARG B 99 -11.72 4.56 3.26
C ARG B 99 -12.76 3.45 3.24
N HIS B 100 -12.74 2.58 4.26
CA HIS B 100 -13.63 1.43 4.32
C HIS B 100 -14.64 1.53 5.44
N ALA B 101 -14.80 2.71 6.03
CA ALA B 101 -15.81 2.88 7.07
C ALA B 101 -17.20 2.66 6.47
N GLY B 102 -17.99 1.82 7.14
CA GLY B 102 -19.28 1.42 6.64
C GLY B 102 -19.29 0.16 5.83
N LYS B 103 -18.11 -0.40 5.52
CA LYS B 103 -18.03 -1.70 4.88
C LYS B 103 -17.03 -2.56 5.65
N ASP B 104 -16.36 -3.50 5.00
CA ASP B 104 -15.47 -4.40 5.73
C ASP B 104 -14.16 -4.59 4.95
N MET B 105 -13.19 -5.23 5.61
CA MET B 105 -11.87 -5.49 5.02
C MET B 105 -11.42 -6.89 5.41
N THR B 106 -10.62 -7.54 4.57
CA THR B 106 -10.08 -8.84 4.96
C THR B 106 -9.07 -8.70 6.08
N VAL B 107 -8.97 -9.75 6.89
CA VAL B 107 -7.94 -9.81 7.93
C VAL B 107 -6.55 -9.59 7.31
N ARG B 108 -6.27 -10.23 6.17
CA ARG B 108 -4.99 -10.06 5.50
C ARG B 108 -4.71 -8.60 5.15
N ASP B 109 -5.70 -7.89 4.63
CA ASP B 109 -5.50 -6.49 4.25
C ASP B 109 -5.38 -5.60 5.48
N LEU B 110 -6.06 -5.95 6.57
CA LEU B 110 -5.84 -5.24 7.82
C LEU B 110 -4.43 -5.44 8.33
N CYS B 111 -3.89 -6.66 8.21
CA CYS B 111 -2.49 -6.92 8.60
C CYS B 111 -1.53 -6.05 7.81
N ARG B 112 -1.66 -6.05 6.50
CA ARG B 112 -0.83 -5.19 5.67
C ARG B 112 -0.92 -3.72 6.11
N ALA B 113 -2.13 -3.23 6.30
CA ALA B 113 -2.29 -1.83 6.64
C ALA B 113 -1.61 -1.49 7.96
N THR B 114 -1.72 -2.37 8.94
N THR B 114 -1.72 -2.36 8.96
CA THR B 114 -1.12 -2.00 10.22
CA THR B 114 -1.11 -2.01 10.25
C THR B 114 0.41 -2.09 10.16
C THR B 114 0.41 -2.00 10.15
N ILE B 115 1.00 -2.88 9.25
N ILE B 115 0.99 -2.82 9.28
CA ILE B 115 2.46 -2.92 9.18
CA ILE B 115 2.45 -2.89 9.20
C ILE B 115 3.00 -1.76 8.37
C ILE B 115 3.00 -1.75 8.37
N ILE B 116 2.45 -1.54 7.16
CA ILE B 116 3.09 -0.60 6.25
C ILE B 116 2.64 0.85 6.39
N THR B 117 1.50 1.13 7.04
CA THR B 117 1.05 2.50 7.26
C THR B 117 0.89 2.83 8.73
N SER B 118 1.06 1.84 9.57
CA SER B 118 0.82 1.89 11.01
C SER B 118 -0.59 2.39 11.39
N ASP B 119 -1.58 2.19 10.53
CA ASP B 119 -2.99 2.44 10.83
C ASP B 119 -3.36 1.89 12.20
N ASN B 120 -3.75 2.77 13.14
CA ASN B 120 -4.09 2.35 14.50
C ASN B 120 -5.45 1.67 14.57
N THR B 121 -6.42 2.11 13.76
CA THR B 121 -7.71 1.44 13.73
C THR B 121 -7.56 0.00 13.27
N ALA B 122 -6.78 -0.22 12.23
CA ALA B 122 -6.56 -1.58 11.78
C ALA B 122 -5.97 -2.45 12.90
N ALA B 123 -5.05 -1.90 13.70
CA ALA B 123 -4.48 -2.67 14.81
C ALA B 123 -5.56 -3.05 15.82
N ASN B 124 -6.44 -2.10 16.18
CA ASN B 124 -7.49 -2.43 17.12
C ASN B 124 -8.45 -3.47 16.55
N LEU B 125 -8.74 -3.40 15.26
CA LEU B 125 -9.60 -4.42 14.65
C LEU B 125 -8.95 -5.80 14.69
N LEU B 126 -7.63 -5.88 14.49
CA LEU B 126 -6.93 -7.17 14.55
C LEU B 126 -6.83 -7.68 15.99
N PHE B 127 -6.67 -6.78 16.95
CA PHE B 127 -6.77 -7.19 18.34
C PHE B 127 -8.09 -7.94 18.56
N GLY B 128 -9.17 -7.45 17.96
CA GLY B 128 -10.48 -8.09 18.09
C GLY B 128 -10.55 -9.47 17.47
N VAL B 129 -9.81 -9.69 16.37
CA VAL B 129 -9.73 -11.00 15.72
C VAL B 129 -9.04 -12.03 16.62
N VAL B 130 -7.93 -11.64 17.27
CA VAL B 130 -7.04 -12.60 17.91
C VAL B 130 -7.34 -12.81 19.38
N GLY B 131 -8.19 -11.99 19.99
CA GLY B 131 -8.44 -12.07 21.42
C GLY B 131 -7.71 -11.07 22.28
N GLY B 132 -7.22 -9.98 21.71
CA GLY B 132 -6.76 -8.86 22.47
C GLY B 132 -5.29 -8.90 22.83
N PRO B 133 -4.84 -7.90 23.57
CA PRO B 133 -3.46 -7.88 24.00
C PRO B 133 -3.04 -9.18 24.68
N PRO B 134 -3.91 -9.84 25.46
CA PRO B 134 -3.47 -11.11 26.08
C PRO B 134 -3.03 -12.17 25.05
N ALA B 135 -3.67 -12.22 23.88
CA ALA B 135 -3.30 -13.20 22.86
C ALA B 135 -1.94 -12.87 22.25
N VAL B 136 -1.65 -11.59 22.11
CA VAL B 136 -0.34 -11.21 21.59
C VAL B 136 0.74 -11.57 22.60
N THR B 137 0.50 -11.29 23.88
CA THR B 137 1.46 -11.67 24.90
C THR B 137 1.63 -13.19 24.95
N ALA B 138 0.52 -13.94 24.86
CA ALA B 138 0.64 -15.40 24.86
C ALA B 138 1.47 -15.89 23.66
N PHE B 139 1.30 -15.27 22.49
CA PHE B 139 2.13 -15.64 21.33
C PHE B 139 3.61 -15.35 21.61
N LEU B 140 3.91 -14.20 22.18
CA LEU B 140 5.29 -13.87 22.52
C LEU B 140 5.88 -14.89 23.51
N ARG B 141 5.12 -15.21 24.56
CA ARG B 141 5.61 -16.18 25.56
C ARG B 141 5.85 -17.56 24.93
N ALA B 142 4.92 -18.01 24.08
CA ALA B 142 5.06 -19.29 23.42
C ALA B 142 6.31 -19.32 22.55
N SER B 143 6.70 -18.17 21.98
CA SER B 143 7.88 -18.11 21.15
C SER B 143 9.17 -18.09 21.96
N GLY B 144 9.08 -17.91 23.27
CA GLY B 144 10.26 -17.83 24.09
C GLY B 144 10.64 -16.44 24.55
N ASP B 145 9.78 -15.46 24.35
CA ASP B 145 10.04 -14.08 24.77
C ASP B 145 9.33 -13.86 26.10
N THR B 146 10.11 -13.70 27.17
CA THR B 146 9.56 -13.44 28.49
C THR B 146 9.55 -11.97 28.86
N VAL B 147 10.01 -11.09 27.97
CA VAL B 147 10.19 -9.67 28.28
C VAL B 147 9.10 -8.83 27.63
N SER B 148 8.94 -8.94 26.32
CA SER B 148 7.98 -8.11 25.61
C SER B 148 6.56 -8.43 26.05
N ARG B 149 5.72 -7.41 26.15
CA ARG B 149 4.35 -7.63 26.61
C ARG B 149 3.41 -6.63 25.97
N SER B 150 2.26 -7.14 25.52
CA SER B 150 1.15 -6.35 25.01
C SER B 150 0.03 -6.30 26.04
N ASP B 151 -0.41 -5.09 26.38
CA ASP B 151 -1.34 -4.90 27.50
C ASP B 151 -2.55 -4.04 27.16
N ARG B 152 -2.40 -3.07 26.26
CA ARG B 152 -3.42 -2.06 26.02
C ARG B 152 -3.78 -1.97 24.54
N LEU B 153 -4.92 -1.34 24.27
CA LEU B 153 -5.36 -1.06 22.92
C LEU B 153 -4.80 0.28 22.41
N GLU B 154 -4.99 0.54 21.12
CA GLU B 154 -4.67 1.85 20.58
C GLU B 154 -5.73 2.86 21.03
N PRO B 155 -5.34 4.09 21.37
CA PRO B 155 -3.99 4.67 21.33
C PRO B 155 -3.21 4.65 22.64
N GLU B 156 -3.85 4.18 23.72
CA GLU B 156 -3.27 4.22 25.05
C GLU B 156 -2.00 3.39 25.20
N LEU B 157 -1.79 2.37 24.37
CA LEU B 157 -0.63 1.52 24.52
C LEU B 157 0.68 2.28 24.29
N ASN B 158 0.63 3.44 23.64
CA ASN B 158 1.80 4.24 23.33
C ASN B 158 2.31 5.06 24.50
N SER B 159 1.54 5.16 25.57
CA SER B 159 1.99 5.89 26.75
C SER B 159 3.04 5.11 27.49
N PHE B 160 4.01 5.82 28.07
CA PHE B 160 5.10 5.24 28.80
C PHE B 160 5.32 5.98 30.10
N ALA B 161 5.63 5.23 31.14
CA ALA B 161 6.06 5.77 32.42
C ALA B 161 7.15 4.85 32.99
N LYS B 162 8.24 5.44 33.49
CA LYS B 162 9.29 4.64 34.09
C LYS B 162 8.70 3.79 35.21
N GLY B 163 9.07 2.52 35.23
CA GLY B 163 8.54 1.58 36.20
C GLY B 163 7.24 0.93 35.79
N ASP B 164 6.57 1.44 34.75
CA ASP B 164 5.34 0.87 34.23
C ASP B 164 5.68 0.00 33.03
N PRO B 165 5.64 -1.32 33.16
CA PRO B 165 6.12 -2.20 32.09
C PRO B 165 5.10 -2.50 31.01
N ARG B 166 3.88 -1.99 31.11
CA ARG B 166 2.89 -2.29 30.09
C ARG B 166 3.37 -1.87 28.70
N ASP B 167 3.14 -2.72 27.71
CA ASP B 167 3.46 -2.44 26.30
C ASP B 167 4.93 -2.04 26.07
N THR B 168 5.84 -2.70 26.80
CA THR B 168 7.28 -2.45 26.66
C THR B 168 8.03 -3.67 26.12
N THR B 169 9.25 -3.40 25.67
CA THR B 169 10.22 -4.43 25.31
C THR B 169 11.59 -3.92 25.71
N THR B 170 12.61 -4.74 25.46
CA THR B 170 13.98 -4.26 25.47
C THR B 170 14.54 -4.41 24.09
N PRO B 171 15.60 -3.67 23.76
CA PRO B 171 16.16 -3.83 22.41
C PRO B 171 16.62 -5.26 22.15
N ALA B 172 17.23 -5.91 23.14
CA ALA B 172 17.73 -7.26 22.95
C ALA B 172 16.60 -8.27 22.82
N ALA B 173 15.56 -8.13 23.65
CA ALA B 173 14.46 -9.09 23.57
C ALA B 173 13.76 -8.97 22.22
N MET B 174 13.56 -7.76 21.74
CA MET B 174 12.89 -7.59 20.46
C MET B 174 13.75 -8.06 19.30
N ALA B 175 15.07 -7.84 19.37
CA ALA B 175 15.92 -8.36 18.31
C ALA B 175 15.85 -9.88 18.25
N ALA B 176 15.90 -10.53 19.42
CA ALA B 176 15.85 -11.99 19.41
C ALA B 176 14.49 -12.47 18.87
N THR B 177 13.43 -11.78 19.26
CA THR B 177 12.10 -12.20 18.81
C THR B 177 11.94 -11.99 17.32
N LEU B 178 12.45 -10.86 16.80
CA LEU B 178 12.41 -10.67 15.36
C LEU B 178 13.14 -11.77 14.62
N GLN B 179 14.30 -12.19 15.13
CA GLN B 179 14.99 -13.28 14.46
C GLN B 179 14.13 -14.52 14.45
N ARG B 180 13.55 -14.89 15.60
CA ARG B 180 12.81 -16.14 15.65
C ARG B 180 11.55 -16.09 14.78
N VAL B 181 10.89 -14.94 14.71
CA VAL B 181 9.59 -14.85 14.05
C VAL B 181 9.73 -14.56 12.56
N VAL B 182 10.61 -13.62 12.21
CA VAL B 182 10.74 -13.23 10.81
C VAL B 182 11.73 -14.14 10.08
N LEU B 183 12.71 -14.68 10.77
CA LEU B 183 13.72 -15.52 10.14
C LEU B 183 13.66 -16.98 10.55
N GLY B 184 13.19 -17.28 11.74
CA GLY B 184 13.21 -18.64 12.27
C GLY B 184 11.94 -19.40 11.93
N GLU B 185 11.57 -20.30 12.85
CA GLU B 185 10.53 -21.31 12.60
C GLU B 185 9.28 -21.11 13.47
N VAL B 186 9.10 -19.92 14.05
CA VAL B 186 7.90 -19.67 14.84
C VAL B 186 6.67 -19.78 13.96
N LEU B 187 6.76 -19.23 12.77
CA LEU B 187 5.74 -19.30 11.74
C LEU B 187 6.16 -20.30 10.67
N GLN B 188 5.16 -20.82 9.96
CA GLN B 188 5.43 -21.62 8.78
C GLN B 188 6.07 -20.74 7.69
N PRO B 189 6.82 -21.34 6.76
CA PRO B 189 7.53 -20.50 5.77
C PRO B 189 6.66 -19.52 4.99
N ALA B 190 5.51 -19.95 4.46
CA ALA B 190 4.65 -19.02 3.73
C ALA B 190 4.18 -17.89 4.63
N SER B 191 3.89 -18.18 5.91
CA SER B 191 3.52 -17.12 6.84
C SER B 191 4.68 -16.15 7.06
N ARG B 192 5.87 -16.69 7.30
CA ARG B 192 7.01 -15.84 7.63
C ARG B 192 7.39 -14.97 6.45
N GLN B 193 7.29 -15.51 5.24
CA GLN B 193 7.59 -14.74 4.03
C GLN B 193 6.56 -13.64 3.82
N GLN B 194 5.27 -13.91 4.08
CA GLN B 194 4.29 -12.85 3.99
C GLN B 194 4.62 -11.72 4.97
N LEU B 195 4.96 -12.08 6.22
CA LEU B 195 5.32 -11.04 7.18
C LEU B 195 6.59 -10.28 6.74
N ALA B 196 7.60 -11.01 6.27
CA ALA B 196 8.81 -10.35 5.76
C ALA B 196 8.48 -9.37 4.63
N ASP B 197 7.61 -9.77 3.71
CA ASP B 197 7.21 -8.90 2.61
C ASP B 197 6.49 -7.63 3.11
N TRP B 198 5.63 -7.75 4.13
CA TRP B 198 4.99 -6.56 4.67
C TRP B 198 6.04 -5.60 5.23
N LEU B 199 7.02 -6.13 5.98
CA LEU B 199 8.07 -5.28 6.56
C LEU B 199 8.93 -4.65 5.47
N ILE B 200 9.23 -5.41 4.43
CA ILE B 200 10.02 -4.87 3.33
C ILE B 200 9.27 -3.71 2.66
N ASP B 201 7.95 -3.82 2.59
CA ASP B 201 7.10 -2.83 1.93
C ASP B 201 6.76 -1.65 2.82
N ASN B 202 7.29 -1.56 4.03
CA ASN B 202 6.89 -0.50 4.95
C ASN B 202 7.14 0.88 4.34
N GLU B 203 6.21 1.80 4.58
CA GLU B 203 6.22 3.12 3.98
C GLU B 203 6.50 4.25 4.97
N THR B 204 6.63 3.94 6.25
CA THR B 204 6.70 4.96 7.30
C THR B 204 8.12 5.21 7.79
N GLY B 205 9.09 4.42 7.33
CA GLY B 205 10.43 4.46 7.91
C GLY B 205 11.52 5.04 7.01
N ASP B 206 11.14 5.83 6.00
CA ASP B 206 12.12 6.29 5.03
C ASP B 206 13.18 7.19 5.65
N ALA B 207 12.85 7.91 6.71
CA ALA B 207 13.78 8.84 7.35
C ALA B 207 14.51 8.25 8.55
N CYS B 208 14.24 6.99 8.89
CA CYS B 208 14.71 6.37 10.12
C CYS B 208 15.88 5.44 9.76
N LEU B 209 15.89 4.16 10.18
CA LEU B 209 17.07 3.33 9.97
C LEU B 209 17.45 3.24 8.50
N ARG B 210 16.46 3.15 7.59
CA ARG B 210 16.74 3.02 6.14
C ARG B 210 17.58 4.17 5.62
N ALA B 211 17.35 5.36 6.17
CA ALA B 211 18.06 6.52 5.70
C ALA B 211 19.55 6.40 5.97
N GLY B 212 19.93 5.63 6.97
CA GLY B 212 21.32 5.42 7.28
C GLY B 212 21.90 4.12 6.79
N LEU B 213 21.09 3.21 6.26
CA LEU B 213 21.60 1.92 5.83
C LEU B 213 21.93 1.96 4.35
N GLY B 214 23.07 1.35 4.01
CA GLY B 214 23.62 1.36 2.67
C GLY B 214 22.99 0.36 1.72
N LYS B 215 23.47 0.39 0.48
CA LYS B 215 22.90 -0.39 -0.62
C LYS B 215 23.08 -1.89 -0.51
N ARG B 216 23.94 -2.40 0.36
CA ARG B 216 24.06 -3.85 0.41
C ARG B 216 22.89 -4.54 1.13
N TRP B 217 21.97 -3.80 1.73
CA TRP B 217 20.89 -4.40 2.50
C TRP B 217 19.52 -4.21 1.85
N ARG B 218 18.76 -5.29 1.80
CA ARG B 218 17.31 -5.21 1.65
C ARG B 218 16.73 -5.15 3.06
N VAL B 219 15.94 -4.12 3.34
CA VAL B 219 15.50 -3.80 4.68
C VAL B 219 14.01 -4.05 4.81
N GLY B 220 13.62 -4.71 5.88
CA GLY B 220 12.24 -4.69 6.37
C GLY B 220 12.24 -4.02 7.72
N ASP B 221 11.22 -3.18 7.98
CA ASP B 221 11.24 -2.46 9.23
C ASP B 221 9.82 -2.09 9.63
N LYS B 222 9.70 -1.72 10.92
CA LYS B 222 8.51 -1.17 11.51
C LYS B 222 8.91 -0.05 12.46
N THR B 223 8.29 1.13 12.31
CA THR B 223 8.56 2.30 13.12
C THR B 223 7.50 2.42 14.22
N GLY B 224 7.76 3.33 15.14
CA GLY B 224 6.78 3.72 16.15
C GLY B 224 7.20 4.99 16.84
N SER B 225 6.25 5.60 17.55
CA SER B 225 6.47 6.88 18.20
C SER B 225 5.33 7.12 19.18
N ASN B 226 5.54 8.09 20.06
CA ASN B 226 4.43 8.66 20.80
C ASN B 226 4.55 10.18 20.78
N GLY B 227 3.59 10.81 21.42
CA GLY B 227 3.45 12.25 21.42
C GLY B 227 4.36 12.95 22.41
N GLU B 228 5.02 12.20 23.29
CA GLU B 228 5.90 12.79 24.28
C GLU B 228 7.36 12.81 23.85
N ASP B 229 7.98 11.64 23.66
CA ASP B 229 9.42 11.69 23.40
C ASP B 229 9.97 10.45 22.70
N ALA B 230 9.12 9.46 22.41
CA ALA B 230 9.58 8.18 21.88
C ALA B 230 9.56 8.16 20.37
N ARG B 231 10.62 7.58 19.81
CA ARG B 231 10.66 7.23 18.40
C ARG B 231 11.51 5.97 18.26
N ASN B 232 10.96 4.97 17.58
CA ASN B 232 11.54 3.64 17.51
C ASN B 232 11.56 3.16 16.07
N ASP B 233 12.48 2.23 15.81
CA ASP B 233 12.50 1.54 14.52
C ASP B 233 13.15 0.19 14.74
N ILE B 234 12.53 -0.86 14.23
CA ILE B 234 13.12 -2.20 14.29
C ILE B 234 13.20 -2.76 12.88
N ALA B 235 14.30 -3.45 12.58
CA ALA B 235 14.59 -3.83 11.21
C ALA B 235 15.25 -5.18 11.11
N VAL B 236 14.96 -5.84 10.00
CA VAL B 236 15.68 -7.01 9.53
C VAL B 236 16.43 -6.62 8.27
N LEU B 237 17.72 -6.96 8.22
CA LEU B 237 18.61 -6.63 7.12
C LEU B 237 19.01 -7.91 6.40
N TRP B 238 18.56 -8.06 5.17
CA TRP B 238 18.99 -9.16 4.32
C TRP B 238 20.08 -8.66 3.38
N PRO B 239 21.27 -9.28 3.32
CA PRO B 239 22.26 -8.85 2.32
C PRO B 239 21.79 -9.24 0.93
N VAL B 240 21.75 -8.25 0.04
CA VAL B 240 21.31 -8.51 -1.32
C VAL B 240 22.27 -9.42 -2.05
N ALA B 241 23.53 -9.49 -1.60
CA ALA B 241 24.50 -10.38 -2.20
C ALA B 241 24.37 -11.81 -1.69
N GLY B 242 23.44 -12.06 -0.79
CA GLY B 242 23.36 -13.33 -0.10
C GLY B 242 24.17 -13.31 1.17
N GLY B 243 23.86 -14.25 2.04
CA GLY B 243 24.53 -14.35 3.32
C GLY B 243 23.56 -14.21 4.46
N ALA B 244 24.11 -14.14 5.66
CA ALA B 244 23.29 -14.18 6.86
C ALA B 244 22.67 -12.82 7.14
N PRO B 245 21.40 -12.78 7.52
CA PRO B 245 20.79 -11.50 7.90
C PRO B 245 21.29 -10.98 9.23
N TRP B 246 21.08 -9.68 9.41
CA TRP B 246 21.26 -8.99 10.67
C TRP B 246 19.91 -8.44 11.14
N VAL B 247 19.80 -8.22 12.45
CA VAL B 247 18.63 -7.59 13.06
C VAL B 247 19.11 -6.37 13.82
N LEU B 248 18.39 -5.27 13.66
CA LEU B 248 18.75 -4.00 14.29
C LEU B 248 17.50 -3.41 14.93
N THR B 249 17.52 -3.28 16.25
CA THR B 249 16.45 -2.64 17.00
C THR B 249 16.94 -1.34 17.61
N ALA B 250 16.10 -0.31 17.54
CA ALA B 250 16.48 1.00 18.00
C ALA B 250 15.27 1.63 18.67
N TYR B 251 15.41 1.93 19.95
CA TYR B 251 14.37 2.56 20.75
C TYR B 251 14.95 3.85 21.31
N LEU B 252 14.28 4.99 21.06
CA LEU B 252 14.75 6.29 21.51
C LEU B 252 13.68 7.02 22.31
N GLN B 253 14.10 7.61 23.42
CA GLN B 253 13.38 8.67 24.11
C GLN B 253 14.24 9.92 24.10
N ALA B 254 13.72 10.99 23.51
CA ALA B 254 14.51 12.21 23.38
C ALA B 254 13.58 13.41 23.26
N GLY B 255 13.11 13.86 24.42
CA GLY B 255 12.16 14.94 24.46
C GLY B 255 12.78 16.30 24.18
N ALA B 256 14.10 16.40 24.28
CA ALA B 256 14.75 17.69 24.07
C ALA B 256 14.86 18.07 22.60
N ILE B 257 14.60 17.16 21.68
CA ILE B 257 14.72 17.42 20.25
C ILE B 257 13.36 17.22 19.59
N SER B 258 13.28 17.60 18.31
CA SER B 258 12.03 17.55 17.56
C SER B 258 11.75 16.15 17.04
N TYR B 259 10.49 15.95 16.65
CA TYR B 259 10.09 14.70 16.01
C TYR B 259 10.99 14.37 14.79
N GLU B 260 11.21 15.36 13.94
CA GLU B 260 12.08 15.17 12.78
C GLU B 260 13.52 14.85 13.19
N GLN B 261 14.02 15.49 14.25
CA GLN B 261 15.36 15.17 14.73
C GLN B 261 15.43 13.77 15.35
N ARG B 262 14.34 13.27 15.91
CA ARG B 262 14.35 11.92 16.41
C ARG B 262 14.54 10.92 15.27
N ALA B 263 13.94 11.19 14.11
CA ALA B 263 14.23 10.36 12.94
C ALA B 263 15.71 10.43 12.54
N SER B 264 16.34 11.62 12.63
N SER B 264 16.34 11.62 12.63
CA SER B 264 17.76 11.75 12.29
CA SER B 264 17.75 11.72 12.26
C SER B 264 18.63 10.92 13.23
C SER B 264 18.64 10.94 13.23
N VAL B 265 18.25 10.86 14.50
CA VAL B 265 18.97 9.99 15.43
C VAL B 265 18.88 8.53 14.96
N LEU B 266 17.68 8.07 14.60
CA LEU B 266 17.53 6.68 14.17
C LEU B 266 18.30 6.43 12.87
N ALA B 267 18.31 7.40 11.97
CA ALA B 267 19.12 7.28 10.76
C ALA B 267 20.60 7.13 11.12
N GLN B 268 21.06 7.88 12.11
CA GLN B 268 22.46 7.78 12.52
C GLN B 268 22.76 6.44 13.15
N VAL B 269 21.79 5.87 13.87
CA VAL B 269 21.94 4.49 14.33
C VAL B 269 22.19 3.58 13.14
N GLY B 270 21.42 3.77 12.07
CA GLY B 270 21.64 2.99 10.87
C GLY B 270 23.05 3.15 10.32
N ARG B 271 23.53 4.40 10.25
CA ARG B 271 24.87 4.63 9.71
C ARG B 271 25.94 3.97 10.58
N ILE B 272 25.85 4.15 11.90
CA ILE B 272 26.83 3.54 12.81
C ILE B 272 26.83 2.03 12.66
N ALA B 273 25.64 1.43 12.68
CA ALA B 273 25.51 -0.02 12.54
C ALA B 273 26.11 -0.52 11.24
N ASP B 274 25.78 0.14 10.12
CA ASP B 274 26.25 -0.33 8.82
C ASP B 274 27.77 -0.36 8.79
N ARG B 275 28.38 0.66 9.38
CA ARG B 275 29.82 0.78 9.42
C ARG B 275 30.45 -0.33 10.25
N LEU B 276 29.76 -0.81 11.28
CA LEU B 276 30.24 -1.86 12.18
C LEU B 276 30.04 -3.28 11.66
N ILE B 277 29.22 -3.51 10.64
CA ILE B 277 29.10 -4.87 10.12
C ILE B 277 30.29 -5.23 9.24
N GLY B 278 30.52 -4.49 8.16
CA GLY B 278 31.77 -4.63 7.43
C GLY B 278 31.93 -5.86 6.54
N DSN C . 2.05 4.54 -17.82
CA DSN C . 1.49 5.00 -16.55
C DSN C . 0.02 4.62 -16.39
O DSN C . -0.42 4.49 -15.25
OXT DSN C . -0.75 4.43 -17.32
CB DSN C . 2.30 4.43 -15.38
OG DSN C . 3.51 5.16 -15.21
H2 DSN C . 2.16 5.16 -18.54
H DSN C . 1.84 3.73 -18.02
HA DSN C . 1.56 5.96 -16.50
HB2 DSN C . 1.77 4.50 -14.56
HB3 DSN C . 2.51 3.50 -15.56
HG DSN C . 3.95 4.85 -14.57
C4 MK7 D . 1.13 7.44 14.58
C5 MK7 D . -1.07 8.92 21.32
C6 MK7 D . -2.37 9.29 19.32
C7 MK7 D . 1.18 4.91 14.77
C8 MK7 D . 2.92 4.02 16.11
C10 MK7 D . 2.21 6.25 16.60
C1 MK7 D . 2.19 7.47 15.69
C2 MK7 D . 0.12 8.41 20.53
C3 MK7 D . -1.26 8.68 18.46
C9 MK7 D . -0.32 7.77 19.22
C11 MK7 D . 0.97 6.37 17.53
C12 MK7 D . 1.02 6.11 13.83
N13 MK7 D . -1.95 9.80 20.58
N14 MK7 D . 0.85 7.56 18.36
N15 MK7 D . 2.06 6.06 12.79
N16 MK7 D . 2.16 5.01 15.84
O17 MK7 D . 4.62 5.48 11.27
O18 MK7 D . 3.72 4.10 17.00
O19 MK7 D . 0.14 5.50 17.54
O20 MK7 D . 4.28 3.73 12.77
O21 MK7 D . 5.79 5.39 13.28
O22 MK7 D . 3.30 6.10 13.46
S23 MK7 D . 4.47 5.17 12.70
H1 MK7 D . 0.26 7.62 14.99
H2 MK7 D . 1.32 8.14 13.95
H3 MK7 D . -0.75 9.39 22.11
H4 MK7 D . -1.60 8.15 21.60
H5 MK7 D . -3.07 8.64 19.44
H6 MK7 D . -2.72 10.04 18.81
H7 MK7 D . 1.40 4.14 14.22
H8 MK7 D . 0.31 4.74 15.18
H10 MK7 D . 3.01 6.26 17.14
H11 MK7 D . 3.07 7.57 15.29
H12 MK7 D . 2.02 8.23 16.26
H13 MK7 D . 0.57 7.73 21.06
H14 MK7 D . 0.73 9.14 20.36
H15 MK7 D . -1.68 8.17 17.74
H16 MK7 D . -0.75 9.40 18.06
H17 MK7 D . -0.76 6.92 19.40
H18 MK7 D . 0.15 6.06 13.41
H19 MK7 D . -2.65 10.00 21.08
H21 MK7 D . 1.44 8.18 18.31
H22 MK7 D . 1.99 5.29 12.35
#